data_8RI2
#
_entry.id   8RI2
#
_cell.length_a   96.238
_cell.length_b   96.238
_cell.length_c   267.973
_cell.angle_alpha   90
_cell.angle_beta   90
_cell.angle_gamma   120
#
_symmetry.space_group_name_H-M   'P 61 2 2'
#
loop_
_entity.id
_entity.type
_entity.pdbx_description
1 polymer 'NACHT, LRR and PYD domains-containing protein 3'
2 non-polymer 2-[4-chloranyl-9-oxidanylidene-12-(2-oxidanylpropan-2-yl)-5-thia-1,10,11-triazatricyclo[6.4.0.0^{2,6}]dodeca-2(6),3,7,11-tetraen-10-yl]-~{N}-[(3~{R})-1-methylpiperidin-3-yl]ethanamide
3 non-polymer "ADENOSINE-5'-DIPHOSPHATE"
4 water water
#
_entity_poly.entity_id   1
_entity_poly.type   'polypeptide(L)'
_entity_poly.pdbx_seq_one_letter_code
;GKMKKDYRKKYRKYVRSRFQCIEDRNARLGESVSLNKRYTRLRLIKEHRSQQEREQELLAIGKTKTCESPVSPIKMELLF
DPDDEHSEPVHTVVFQGAAGIGKTILARKMMLDWASGTLYQDRFDYLFYIHCREVSLVTQRSLGDLIMSCCPDPNPPIHK
IVRKPSRILFLMDGFDELQGAFDEHIGPLCTDWQKAERGDILLSSLIRKKLLPEASLLITTRPVALEKLQHLLDHPRHVE
ILGFSEAKRKEYFFKYFSDEAQARAAFSLIQENEVLFTMCFIPLVCWIVCTGLKQQMESGKSLAQTSKTTTAVYVFFLSS
LLQPRGGSQEHGLCAHLWGLCSLAADGIWNQKILFEESDLRNHGLQKADVSAFLRMNLFQKEVDCEKFYSFIHMTFQEFF
AAMYYLLEEEKEGRTNVPGSRLKLPSRDVTVLLENYGKFEKGYLIFVVRFLFGLVNQERTSYLEKKLSCKISQQIRLELL
KWIEVKAKAKKLQIQPSQLELFYCLYEMQEEDFVQRAMDYFPKIEINLSTRMDHMVSSFCIENCHRVESL
;
_entity_poly.pdbx_strand_id   A
#
loop_
_chem_comp.id
_chem_comp.type
_chem_comp.name
_chem_comp.formula
A1H02 non-polymer 2-[4-chloranyl-9-oxidanylidene-12-(2-oxidanylpropan-2-yl)-5-thia-1,10,11-triazatricyclo[6.4.0.0^{2,6}]dodeca-2(6),3,7,11-tetraen-10-yl]-~{N}-[(3~{R})-1-methylpiperidin-3-yl]ethanamide 'C19 H24 Cl N5 O3 S'
ADP non-polymer ADENOSINE-5'-DIPHOSPHATE 'C10 H15 N5 O10 P2'
#
# COMPACT_ATOMS: atom_id res chain seq x y z
N LYS A 5 -21.61 9.67 26.99
CA LYS A 5 -22.88 10.23 26.48
C LYS A 5 -22.69 11.68 25.99
N ASP A 6 -22.15 12.54 26.88
CA ASP A 6 -21.83 13.93 26.59
C ASP A 6 -20.44 14.04 25.93
N TYR A 7 -19.48 13.15 26.32
CA TYR A 7 -18.15 13.13 25.71
C TYR A 7 -18.20 12.55 24.31
N ARG A 8 -19.06 11.54 24.08
CA ARG A 8 -19.23 10.93 22.76
C ARG A 8 -19.63 11.98 21.72
N LYS A 9 -20.41 13.00 22.12
CA LYS A 9 -20.84 14.09 21.24
C LYS A 9 -19.60 14.89 20.79
N LYS A 10 -18.69 15.18 21.74
CA LYS A 10 -17.46 15.92 21.50
C LYS A 10 -16.53 15.12 20.61
N TYR A 11 -16.44 13.81 20.86
CA TYR A 11 -15.59 12.92 20.09
C TYR A 11 -16.10 12.79 18.66
N ARG A 12 -17.41 12.58 18.47
CA ARG A 12 -17.96 12.47 17.12
C ARG A 12 -17.79 13.79 16.37
N LYS A 13 -17.89 14.93 17.06
CA LYS A 13 -17.67 16.23 16.41
C LYS A 13 -16.22 16.34 15.91
N TYR A 14 -15.27 15.83 16.72
CA TYR A 14 -13.86 15.82 16.39
C TYR A 14 -13.61 14.92 15.19
N VAL A 15 -14.21 13.71 15.20
CA VAL A 15 -14.05 12.75 14.12
C VAL A 15 -14.66 13.30 12.81
N ARG A 16 -15.76 14.03 12.89
CA ARG A 16 -16.41 14.60 11.72
C ARG A 16 -15.53 15.63 11.00
N SER A 17 -14.74 16.42 11.74
CA SER A 17 -13.87 17.41 11.13
C SER A 17 -12.49 16.84 10.76
N ARG A 18 -11.98 15.89 11.56
CA ARG A 18 -10.67 15.28 11.28
C ARG A 18 -10.68 14.38 10.05
N PHE A 19 -11.83 13.79 9.72
CA PHE A 19 -11.95 12.92 8.55
C PHE A 19 -12.86 13.54 7.51
N GLN A 20 -12.77 14.87 7.33
CA GLN A 20 -13.57 15.64 6.37
C GLN A 20 -13.21 15.30 4.94
N CYS A 21 -11.92 15.09 4.67
CA CYS A 21 -11.46 14.79 3.32
C CYS A 21 -10.34 13.72 3.28
N ILE A 22 -9.96 13.29 2.05
CA ILE A 22 -8.95 12.28 1.70
C ILE A 22 -7.60 12.49 2.40
N GLU A 23 -7.12 13.73 2.47
CA GLU A 23 -5.84 14.05 3.11
C GLU A 23 -6.02 14.65 4.52
N ASP A 24 -4.92 14.82 5.28
CA ASP A 24 -4.89 15.38 6.64
C ASP A 24 -5.70 14.56 7.65
N LEU A 35 -12.30 17.03 -0.90
CA LEU A 35 -13.29 16.54 0.06
C LEU A 35 -13.76 15.08 -0.26
N ASN A 36 -14.60 14.48 0.62
CA ASN A 36 -15.10 13.13 0.37
C ASN A 36 -16.33 13.12 -0.58
N LYS A 37 -16.14 13.75 -1.75
CA LYS A 37 -17.03 13.81 -2.91
C LYS A 37 -16.35 13.04 -4.08
N ARG A 38 -15.01 12.91 -4.05
CA ARG A 38 -14.20 12.12 -4.99
C ARG A 38 -14.21 10.63 -4.60
N TYR A 39 -14.71 10.26 -3.40
CA TYR A 39 -14.80 8.86 -2.96
C TYR A 39 -15.73 8.11 -3.91
N THR A 40 -15.21 7.06 -4.54
CA THR A 40 -15.96 6.19 -5.46
C THR A 40 -16.13 4.83 -4.77
N ARG A 41 -17.31 4.18 -4.88
CA ARG A 41 -17.54 2.89 -4.22
C ARG A 41 -16.46 1.85 -4.52
N LEU A 42 -16.10 1.05 -3.52
CA LEU A 42 -15.11 0.01 -3.69
C LEU A 42 -15.78 -1.37 -3.70
N ARG A 43 -15.22 -2.30 -4.47
CA ARG A 43 -15.78 -3.64 -4.58
C ARG A 43 -15.32 -4.50 -3.41
N LEU A 44 -16.18 -4.66 -2.40
CA LEU A 44 -15.83 -5.49 -1.24
C LEU A 44 -16.54 -6.83 -1.34
N ILE A 45 -15.77 -7.91 -1.22
CA ILE A 45 -16.33 -9.24 -1.31
C ILE A 45 -15.89 -10.10 -0.11
N LYS A 46 -16.80 -10.90 0.46
CA LYS A 46 -16.47 -11.68 1.64
C LYS A 46 -16.09 -13.15 1.31
N GLU A 47 -15.67 -13.91 2.34
CA GLU A 47 -15.19 -15.30 2.29
C GLU A 47 -13.75 -15.43 1.82
N HIS A 48 -12.96 -14.33 1.90
CA HIS A 48 -11.56 -14.33 1.48
C HIS A 48 -10.62 -14.88 2.56
N PRO A 73 -20.90 -8.04 -2.87
CA PRO A 73 -22.15 -7.39 -2.48
C PRO A 73 -22.23 -7.20 -0.97
N ILE A 74 -21.22 -6.53 -0.39
CA ILE A 74 -21.14 -6.37 1.05
C ILE A 74 -21.62 -5.02 1.57
N LYS A 75 -22.64 -5.06 2.45
CA LYS A 75 -23.18 -3.88 3.10
C LYS A 75 -22.39 -3.65 4.38
N MET A 76 -21.70 -2.52 4.47
CA MET A 76 -20.86 -2.18 5.61
C MET A 76 -21.53 -2.31 6.96
N GLU A 77 -22.79 -1.91 7.08
CA GLU A 77 -23.54 -2.00 8.34
C GLU A 77 -23.61 -3.45 8.86
N LEU A 78 -23.63 -4.42 7.94
CA LEU A 78 -23.73 -5.83 8.33
C LEU A 78 -22.40 -6.55 8.59
N LEU A 79 -21.27 -5.84 8.50
CA LEU A 79 -19.95 -6.44 8.73
C LEU A 79 -19.81 -7.19 10.04
N PHE A 80 -20.29 -6.59 11.14
CA PHE A 80 -20.15 -7.22 12.45
C PHE A 80 -21.33 -8.10 12.86
N ASP A 81 -22.33 -8.24 11.99
CA ASP A 81 -23.50 -9.07 12.28
C ASP A 81 -23.16 -10.54 12.17
N PRO A 82 -23.75 -11.43 12.98
CA PRO A 82 -23.49 -12.86 12.81
C PRO A 82 -24.32 -13.40 11.64
N ASP A 83 -23.90 -13.14 10.37
CA ASP A 83 -24.64 -13.60 9.20
C ASP A 83 -24.37 -15.06 8.89
N ASP A 84 -24.40 -15.87 9.95
CA ASP A 84 -24.17 -17.30 9.95
C ASP A 84 -25.16 -17.96 10.94
N GLU A 85 -25.01 -19.28 11.12
CA GLU A 85 -25.73 -20.08 12.10
C GLU A 85 -25.09 -19.92 13.52
N HIS A 86 -23.91 -19.22 13.62
CA HIS A 86 -23.16 -18.96 14.84
C HIS A 86 -23.99 -18.16 15.85
N SER A 87 -24.66 -17.09 15.37
CA SER A 87 -25.54 -16.18 16.14
C SER A 87 -24.84 -15.50 17.36
N GLU A 88 -23.51 -15.45 17.31
CA GLU A 88 -22.68 -14.79 18.32
C GLU A 88 -21.88 -13.75 17.55
N PRO A 89 -22.07 -12.44 17.86
CA PRO A 89 -21.41 -11.37 17.10
C PRO A 89 -19.96 -11.59 16.70
N VAL A 90 -19.61 -11.01 15.56
CA VAL A 90 -18.28 -11.09 15.03
C VAL A 90 -17.51 -9.94 15.61
N HIS A 91 -16.38 -10.22 16.27
CA HIS A 91 -15.59 -9.17 16.90
C HIS A 91 -14.33 -8.80 16.11
N THR A 92 -13.89 -9.64 15.16
CA THR A 92 -12.73 -9.31 14.34
C THR A 92 -13.08 -9.39 12.85
N VAL A 93 -12.86 -8.30 12.11
CA VAL A 93 -13.10 -8.20 10.68
C VAL A 93 -11.79 -7.78 10.03
N VAL A 94 -11.30 -8.56 9.03
CA VAL A 94 -10.05 -8.32 8.33
C VAL A 94 -10.29 -7.94 6.88
N PHE A 95 -9.83 -6.77 6.50
CA PHE A 95 -9.94 -6.23 5.15
C PHE A 95 -8.61 -6.40 4.44
N GLN A 96 -8.49 -7.39 3.54
CA GLN A 96 -7.25 -7.59 2.80
C GLN A 96 -7.32 -6.87 1.46
N GLY A 97 -6.37 -5.98 1.24
CA GLY A 97 -6.31 -5.18 0.04
C GLY A 97 -4.88 -4.87 -0.35
N ALA A 98 -4.59 -4.91 -1.64
CA ALA A 98 -3.24 -4.65 -2.14
C ALA A 98 -2.86 -3.14 -2.06
N ALA A 99 -1.56 -2.79 -2.27
CA ALA A 99 -1.08 -1.41 -2.23
C ALA A 99 -1.91 -0.51 -3.13
N GLY A 100 -2.34 0.63 -2.63
CA GLY A 100 -3.14 1.57 -3.40
C GLY A 100 -4.58 1.18 -3.72
N ILE A 101 -5.08 0.05 -3.19
CA ILE A 101 -6.46 -0.37 -3.48
C ILE A 101 -7.53 0.48 -2.73
N GLY A 102 -7.13 1.21 -1.71
CA GLY A 102 -8.04 2.04 -0.94
C GLY A 102 -8.32 1.61 0.49
N LYS A 103 -7.33 1.00 1.17
CA LYS A 103 -7.52 0.55 2.54
C LYS A 103 -7.73 1.76 3.47
N THR A 104 -6.84 2.76 3.36
CA THR A 104 -6.90 3.98 4.15
C THR A 104 -8.12 4.81 3.79
N ILE A 105 -8.44 4.89 2.49
CA ILE A 105 -9.59 5.65 2.06
C ILE A 105 -10.89 5.06 2.57
N LEU A 106 -10.98 3.72 2.64
CA LEU A 106 -12.16 3.05 3.17
C LEU A 106 -12.29 3.23 4.69
N ALA A 107 -11.13 3.18 5.39
CA ALA A 107 -11.05 3.36 6.83
C ALA A 107 -11.40 4.79 7.22
N ARG A 108 -11.01 5.78 6.40
CA ARG A 108 -11.31 7.17 6.68
C ARG A 108 -12.79 7.47 6.39
N LYS A 109 -13.34 6.87 5.32
CA LYS A 109 -14.77 6.99 4.99
C LYS A 109 -15.61 6.40 6.13
N MET A 110 -15.14 5.28 6.72
CA MET A 110 -15.74 4.56 7.85
C MET A 110 -15.90 5.48 9.05
N MET A 111 -14.81 6.18 9.46
CA MET A 111 -14.79 7.07 10.60
C MET A 111 -15.79 8.19 10.39
N LEU A 112 -15.75 8.83 9.20
CA LEU A 112 -16.63 9.94 8.86
C LEU A 112 -18.09 9.52 8.83
N ASP A 113 -18.42 8.40 8.18
CA ASP A 113 -19.81 7.92 8.12
C ASP A 113 -20.33 7.59 9.50
N TRP A 114 -19.51 6.94 10.34
CA TRP A 114 -19.91 6.62 11.70
C TRP A 114 -20.21 7.90 12.53
N ALA A 115 -19.26 8.86 12.54
CA ALA A 115 -19.41 10.12 13.26
C ALA A 115 -20.61 10.94 12.77
N SER A 116 -21.01 10.74 11.51
CA SER A 116 -22.16 11.41 10.94
C SER A 116 -23.49 10.66 11.21
N GLY A 117 -23.49 9.63 12.07
CA GLY A 117 -24.66 8.83 12.42
C GLY A 117 -25.17 7.92 11.31
N THR A 118 -24.40 7.76 10.24
CA THR A 118 -24.75 6.98 9.06
C THR A 118 -24.33 5.50 9.14
N LEU A 119 -23.28 5.21 9.92
CA LEU A 119 -22.75 3.84 10.01
C LEU A 119 -22.53 3.42 11.46
N TYR A 120 -23.05 2.24 11.84
CA TYR A 120 -22.96 1.65 13.19
C TYR A 120 -23.49 2.57 14.30
N GLN A 121 -24.41 3.51 13.99
CA GLN A 121 -24.95 4.45 14.98
C GLN A 121 -25.36 3.78 16.31
N ASP A 122 -25.99 2.60 16.19
CA ASP A 122 -26.52 1.75 17.26
C ASP A 122 -25.48 0.77 17.87
N ARG A 123 -24.49 0.35 17.08
CA ARG A 123 -23.50 -0.64 17.50
C ARG A 123 -22.31 -0.12 18.32
N PHE A 124 -21.73 1.03 17.93
CA PHE A 124 -20.55 1.52 18.64
C PHE A 124 -20.65 2.94 19.15
N ASP A 125 -20.26 3.12 20.43
CA ASP A 125 -20.20 4.41 21.12
C ASP A 125 -18.95 5.17 20.68
N TYR A 126 -17.84 4.44 20.40
CA TYR A 126 -16.59 5.01 19.95
C TYR A 126 -15.97 4.13 18.91
N LEU A 127 -15.34 4.77 17.93
CA LEU A 127 -14.56 4.13 16.89
C LEU A 127 -13.20 4.78 17.05
N PHE A 128 -12.14 3.99 17.27
CA PHE A 128 -10.80 4.57 17.42
C PHE A 128 -9.97 4.26 16.20
N TYR A 129 -9.39 5.27 15.56
CA TYR A 129 -8.57 5.05 14.37
C TYR A 129 -7.10 4.87 14.75
N ILE A 130 -6.58 3.64 14.63
CA ILE A 130 -5.19 3.31 14.90
C ILE A 130 -4.39 3.28 13.60
N HIS A 131 -3.63 4.34 13.31
CA HIS A 131 -2.82 4.39 12.09
C HIS A 131 -1.48 3.73 12.37
N CYS A 132 -1.35 2.46 11.97
CA CYS A 132 -0.23 1.56 12.21
C CYS A 132 1.14 2.12 11.84
N ARG A 133 1.23 2.98 10.82
CA ARG A 133 2.52 3.57 10.45
C ARG A 133 3.05 4.57 11.50
N GLU A 134 2.19 5.03 12.43
CA GLU A 134 2.56 5.93 13.52
C GLU A 134 2.78 5.18 14.86
N VAL A 135 2.38 3.91 14.95
CA VAL A 135 2.53 3.15 16.20
C VAL A 135 3.89 2.50 16.30
N SER A 136 4.70 2.92 17.27
CA SER A 136 6.00 2.32 17.49
C SER A 136 5.80 0.92 18.03
N LEU A 137 6.51 -0.03 17.47
CA LEU A 137 6.48 -1.40 17.94
C LEU A 137 7.45 -1.64 19.11
N VAL A 138 8.20 -0.62 19.56
CA VAL A 138 9.14 -0.78 20.66
C VAL A 138 8.72 0.04 21.87
N THR A 139 8.33 1.30 21.66
CA THR A 139 7.92 2.20 22.75
C THR A 139 6.85 1.59 23.66
N GLN A 140 7.08 1.66 24.98
CA GLN A 140 6.16 1.13 25.99
C GLN A 140 4.99 2.09 26.20
N ARG A 141 3.79 1.60 25.91
CA ARG A 141 2.55 2.35 26.02
C ARG A 141 1.43 1.40 26.40
N SER A 142 0.44 1.88 27.13
CA SER A 142 -0.72 1.07 27.48
C SER A 142 -1.82 1.26 26.42
N LEU A 143 -2.86 0.42 26.47
CA LEU A 143 -3.99 0.59 25.56
C LEU A 143 -4.72 1.91 25.85
N GLY A 144 -4.72 2.34 27.12
CA GLY A 144 -5.30 3.61 27.53
C GLY A 144 -4.60 4.77 26.85
N ASP A 145 -3.24 4.78 26.87
CA ASP A 145 -2.38 5.80 26.24
C ASP A 145 -2.62 5.87 24.72
N LEU A 146 -2.86 4.71 24.09
CA LEU A 146 -3.15 4.59 22.66
C LEU A 146 -4.53 5.19 22.37
N ILE A 147 -5.51 4.90 23.23
CA ILE A 147 -6.87 5.42 23.04
C ILE A 147 -6.86 6.93 23.19
N MET A 148 -6.18 7.43 24.23
CA MET A 148 -6.06 8.87 24.48
C MET A 148 -5.37 9.62 23.32
N SER A 149 -4.48 8.92 22.57
CA SER A 149 -3.77 9.43 21.38
C SER A 149 -4.76 9.77 20.26
N CYS A 150 -5.85 9.01 20.16
CA CYS A 150 -6.91 9.21 19.17
C CYS A 150 -7.88 10.34 19.55
N CYS A 151 -7.80 10.85 20.78
CA CYS A 151 -8.74 11.83 21.31
C CYS A 151 -8.29 13.27 21.14
N PRO A 152 -9.27 14.19 21.01
CA PRO A 152 -8.93 15.60 20.81
C PRO A 152 -8.23 16.31 21.97
N ASP A 153 -8.77 16.18 23.19
CA ASP A 153 -8.31 16.88 24.38
C ASP A 153 -7.15 16.17 25.10
N PRO A 154 -6.37 16.91 25.90
CA PRO A 154 -5.26 16.25 26.62
C PRO A 154 -5.72 15.23 27.67
N ASN A 155 -6.85 15.51 28.38
CA ASN A 155 -7.39 14.63 29.42
C ASN A 155 -8.77 14.00 29.06
N PRO A 156 -8.82 12.97 28.21
CA PRO A 156 -10.12 12.33 27.91
C PRO A 156 -10.61 11.45 29.07
N PRO A 157 -11.92 11.15 29.16
CA PRO A 157 -12.41 10.26 30.23
C PRO A 157 -12.16 8.81 29.82
N ILE A 158 -10.91 8.37 29.95
CA ILE A 158 -10.50 7.06 29.54
C ILE A 158 -11.24 5.96 30.29
N HIS A 159 -11.46 6.12 31.59
CA HIS A 159 -12.15 5.11 32.37
C HIS A 159 -13.62 5.00 31.97
N LYS A 160 -14.25 6.12 31.57
CA LYS A 160 -15.65 6.17 31.12
C LYS A 160 -15.81 5.50 29.74
N ILE A 161 -14.81 5.66 28.87
CA ILE A 161 -14.78 5.12 27.51
C ILE A 161 -14.69 3.60 27.57
N VAL A 162 -13.79 3.09 28.40
CA VAL A 162 -13.52 1.67 28.60
C VAL A 162 -14.60 0.96 29.48
N ARG A 163 -15.62 1.70 29.94
CA ARG A 163 -16.69 1.12 30.75
C ARG A 163 -17.44 0.04 29.97
N LYS A 164 -17.71 0.27 28.67
CA LYS A 164 -18.38 -0.69 27.83
C LYS A 164 -17.49 -1.06 26.64
N PRO A 165 -16.58 -2.04 26.80
CA PRO A 165 -15.68 -2.42 25.71
C PRO A 165 -16.38 -2.93 24.45
N SER A 166 -17.52 -3.61 24.58
CA SER A 166 -18.27 -4.09 23.40
C SER A 166 -18.81 -2.93 22.55
N ARG A 167 -18.86 -1.70 23.10
CA ARG A 167 -19.28 -0.53 22.35
C ARG A 167 -18.08 0.19 21.69
N ILE A 168 -16.89 -0.47 21.60
CA ILE A 168 -15.68 0.12 21.00
C ILE A 168 -15.25 -0.64 19.76
N LEU A 169 -14.97 0.09 18.67
CA LEU A 169 -14.43 -0.54 17.46
C LEU A 169 -13.04 0.00 17.19
N PHE A 170 -12.03 -0.85 17.28
CA PHE A 170 -10.67 -0.44 17.00
C PHE A 170 -10.42 -0.61 15.52
N LEU A 171 -10.10 0.48 14.83
CA LEU A 171 -9.88 0.50 13.39
C LEU A 171 -8.37 0.58 13.13
N MET A 172 -7.72 -0.57 13.03
CA MET A 172 -6.29 -0.66 12.77
C MET A 172 -6.05 -0.57 11.29
N ASP A 173 -5.58 0.57 10.80
CA ASP A 173 -5.33 0.76 9.39
C ASP A 173 -3.89 0.50 8.99
N GLY A 174 -3.70 -0.39 8.01
CA GLY A 174 -2.40 -0.75 7.47
C GLY A 174 -1.55 -1.57 8.42
N PHE A 175 -1.93 -2.84 8.68
CA PHE A 175 -1.18 -3.74 9.57
C PHE A 175 0.25 -3.90 9.07
N ASP A 176 0.39 -4.12 7.75
CA ASP A 176 1.63 -4.28 7.04
C ASP A 176 2.56 -3.05 7.14
N GLU A 177 2.05 -1.91 7.60
CA GLU A 177 2.86 -0.73 7.76
C GLU A 177 3.41 -0.56 9.18
N LEU A 178 3.41 -1.62 10.01
CA LEU A 178 3.97 -1.55 11.35
C LEU A 178 5.47 -1.64 11.20
N GLN A 179 6.16 -0.51 11.37
CA GLN A 179 7.61 -0.45 11.18
C GLN A 179 8.40 -1.36 12.12
N GLY A 180 9.21 -2.23 11.53
CA GLY A 180 10.06 -3.17 12.24
C GLY A 180 9.55 -4.59 12.17
N ALA A 181 10.15 -5.51 12.95
CA ALA A 181 9.69 -6.89 12.98
C ALA A 181 8.44 -7.04 13.82
N PHE A 182 7.60 -8.01 13.46
CA PHE A 182 6.39 -8.32 14.22
C PHE A 182 6.27 -9.81 14.20
N ASP A 183 6.72 -10.52 15.25
CA ASP A 183 6.62 -11.98 15.24
C ASP A 183 5.62 -12.55 16.24
N GLU A 184 5.06 -13.73 15.94
CA GLU A 184 4.09 -14.35 16.82
C GLU A 184 4.68 -14.99 18.06
N HIS A 185 5.94 -14.70 18.38
CA HIS A 185 6.58 -15.26 19.58
C HIS A 185 6.66 -14.27 20.74
N ILE A 186 6.12 -13.05 20.58
CA ILE A 186 6.20 -12.03 21.62
C ILE A 186 5.28 -12.32 22.78
N GLY A 187 5.74 -11.97 23.96
CA GLY A 187 4.97 -12.19 25.16
C GLY A 187 5.66 -11.75 26.42
N PRO A 188 4.99 -11.93 27.58
CA PRO A 188 3.65 -12.49 27.78
C PRO A 188 2.54 -11.60 27.22
N LEU A 189 1.36 -12.18 26.97
CA LEU A 189 0.24 -11.39 26.48
C LEU A 189 -0.36 -10.56 27.61
N CYS A 190 -0.76 -9.33 27.29
CA CYS A 190 -1.32 -8.37 28.25
C CYS A 190 -2.86 -8.45 28.35
N THR A 191 -3.37 -8.42 29.60
CA THR A 191 -4.81 -8.43 29.91
C THR A 191 -5.21 -7.25 30.79
N ASP A 192 -4.44 -6.15 30.80
CA ASP A 192 -4.69 -4.95 31.60
C ASP A 192 -4.62 -3.73 30.68
N TRP A 193 -5.76 -3.09 30.34
CA TRP A 193 -5.71 -1.92 29.44
C TRP A 193 -4.87 -0.77 29.96
N GLN A 194 -4.52 -0.77 31.25
CA GLN A 194 -3.73 0.29 31.85
C GLN A 194 -2.24 0.02 31.91
N LYS A 195 -1.82 -1.24 31.79
CA LYS A 195 -0.42 -1.62 31.89
C LYS A 195 0.29 -1.26 30.61
N ALA A 196 1.40 -0.53 30.74
CA ALA A 196 2.20 -0.10 29.61
C ALA A 196 3.07 -1.23 29.17
N GLU A 197 2.87 -1.67 27.96
CA GLU A 197 3.66 -2.74 27.36
C GLU A 197 4.31 -2.22 26.09
N ARG A 198 5.32 -2.94 25.59
CA ARG A 198 6.01 -2.69 24.32
C ARG A 198 4.95 -2.64 23.21
N GLY A 199 5.01 -1.69 22.30
CA GLY A 199 4.04 -1.56 21.23
C GLY A 199 3.66 -2.83 20.49
N ASP A 200 4.60 -3.78 20.37
CA ASP A 200 4.32 -5.05 19.69
C ASP A 200 3.53 -5.99 20.59
N ILE A 201 3.85 -6.03 21.90
CA ILE A 201 3.13 -6.83 22.89
C ILE A 201 1.70 -6.28 23.00
N LEU A 202 1.58 -4.97 23.10
CA LEU A 202 0.30 -4.28 23.17
C LEU A 202 -0.60 -4.62 21.97
N LEU A 203 -0.15 -4.38 20.72
CA LEU A 203 -0.98 -4.66 19.55
C LEU A 203 -1.23 -6.14 19.37
N SER A 204 -0.27 -6.99 19.76
CA SER A 204 -0.39 -8.44 19.68
C SER A 204 -1.51 -8.89 20.62
N SER A 205 -1.55 -8.33 21.85
CA SER A 205 -2.57 -8.64 22.86
C SER A 205 -3.95 -8.14 22.49
N LEU A 206 -4.01 -7.06 21.70
CA LEU A 206 -5.28 -6.50 21.23
C LEU A 206 -5.81 -7.33 20.07
N ILE A 207 -4.93 -7.73 19.14
CA ILE A 207 -5.33 -8.54 18.00
C ILE A 207 -5.82 -9.91 18.48
N ARG A 208 -5.06 -10.53 19.41
CA ARG A 208 -5.41 -11.84 19.98
C ARG A 208 -6.67 -11.81 20.87
N LYS A 209 -7.24 -10.63 21.10
CA LYS A 209 -8.44 -10.39 21.89
C LYS A 209 -8.26 -10.76 23.35
N LYS A 210 -7.05 -10.52 23.89
CA LYS A 210 -6.76 -10.72 25.33
C LYS A 210 -7.06 -9.40 26.08
N LEU A 211 -6.76 -8.28 25.44
CA LEU A 211 -6.95 -6.93 25.92
C LEU A 211 -8.28 -6.45 25.37
N LEU A 212 -9.29 -6.22 26.27
CA LEU A 212 -10.67 -5.84 25.93
C LEU A 212 -11.23 -6.97 25.04
N PRO A 213 -11.35 -8.21 25.57
CA PRO A 213 -11.74 -9.34 24.71
C PRO A 213 -12.97 -9.13 23.85
N GLU A 214 -13.99 -8.44 24.36
CA GLU A 214 -15.22 -8.24 23.59
C GLU A 214 -15.31 -6.93 22.83
N ALA A 215 -14.20 -6.24 22.64
CA ALA A 215 -14.19 -5.03 21.83
C ALA A 215 -14.10 -5.47 20.36
N SER A 216 -14.65 -4.68 19.41
CA SER A 216 -14.55 -5.04 18.00
C SER A 216 -13.27 -4.50 17.37
N LEU A 217 -12.80 -5.15 16.28
CA LEU A 217 -11.55 -4.85 15.58
C LEU A 217 -11.75 -4.87 14.07
N LEU A 218 -11.17 -3.92 13.36
CA LEU A 218 -11.22 -3.83 11.91
C LEU A 218 -9.77 -3.66 11.46
N ILE A 219 -9.13 -4.72 10.97
CA ILE A 219 -7.75 -4.62 10.51
C ILE A 219 -7.72 -4.54 9.00
N THR A 220 -6.98 -3.59 8.45
CA THR A 220 -6.81 -3.50 7.00
C THR A 220 -5.36 -3.89 6.74
N THR A 221 -5.12 -4.90 5.90
CA THR A 221 -3.75 -5.34 5.62
C THR A 221 -3.55 -5.72 4.15
N ARG A 222 -2.29 -5.72 3.70
CA ARG A 222 -1.96 -6.18 2.37
C ARG A 222 -1.91 -7.69 2.45
N PRO A 223 -2.34 -8.41 1.40
CA PRO A 223 -2.31 -9.88 1.46
C PRO A 223 -0.97 -10.50 1.86
N VAL A 224 0.16 -9.81 1.55
CA VAL A 224 1.48 -10.29 1.93
C VAL A 224 1.64 -10.47 3.46
N ALA A 225 1.18 -9.48 4.24
CA ALA A 225 1.26 -9.53 5.70
C ALA A 225 0.21 -10.44 6.36
N LEU A 226 -0.76 -10.96 5.58
CA LEU A 226 -1.79 -11.87 6.05
C LEU A 226 -1.23 -13.17 6.61
N GLU A 227 0.07 -13.47 6.36
CA GLU A 227 0.77 -14.62 6.90
C GLU A 227 1.09 -14.33 8.38
N LYS A 228 1.57 -13.11 8.70
CA LYS A 228 1.87 -12.79 10.11
C LYS A 228 0.56 -12.75 10.90
N LEU A 229 -0.44 -12.06 10.34
CA LEU A 229 -1.73 -11.81 10.96
C LEU A 229 -2.54 -13.05 11.29
N GLN A 230 -2.70 -13.97 10.32
CA GLN A 230 -3.53 -15.17 10.44
C GLN A 230 -3.38 -15.90 11.76
N HIS A 231 -2.16 -15.97 12.30
CA HIS A 231 -1.83 -16.71 13.51
C HIS A 231 -2.40 -16.10 14.78
N LEU A 232 -2.60 -14.78 14.78
CA LEU A 232 -3.16 -14.12 15.97
C LEU A 232 -4.68 -14.11 15.97
N LEU A 233 -5.30 -14.03 14.78
CA LEU A 233 -6.74 -13.89 14.57
C LEU A 233 -7.64 -14.93 15.27
N ASP A 234 -8.70 -14.41 15.89
CA ASP A 234 -9.68 -15.19 16.63
C ASP A 234 -11.04 -15.20 15.92
N HIS A 235 -11.38 -16.31 15.21
CA HIS A 235 -12.63 -16.46 14.44
C HIS A 235 -12.89 -15.20 13.56
N PRO A 236 -11.94 -14.79 12.69
CA PRO A 236 -12.15 -13.53 11.95
C PRO A 236 -13.06 -13.65 10.74
N ARG A 237 -13.70 -12.54 10.37
CA ARG A 237 -14.50 -12.49 9.16
C ARG A 237 -13.60 -11.82 8.16
N HIS A 238 -13.28 -12.50 7.06
CA HIS A 238 -12.41 -11.95 6.04
C HIS A 238 -13.20 -11.30 4.92
N VAL A 239 -12.73 -10.14 4.48
CA VAL A 239 -13.31 -9.36 3.38
C VAL A 239 -12.16 -8.88 2.50
N GLU A 240 -12.32 -8.98 1.19
CA GLU A 240 -11.30 -8.56 0.24
C GLU A 240 -11.69 -7.28 -0.48
N ILE A 241 -10.82 -6.27 -0.46
CA ILE A 241 -11.05 -5.05 -1.20
C ILE A 241 -10.50 -5.28 -2.62
N LEU A 242 -11.39 -5.31 -3.63
CA LEU A 242 -11.00 -5.59 -5.01
C LEU A 242 -10.70 -4.38 -5.88
N GLY A 243 -11.03 -3.19 -5.41
CA GLY A 243 -10.76 -1.97 -6.15
C GLY A 243 -11.98 -1.49 -6.88
N PHE A 244 -11.77 -0.94 -8.09
CA PHE A 244 -12.82 -0.36 -8.92
C PHE A 244 -13.37 -1.26 -9.98
N SER A 245 -14.70 -1.27 -10.10
CA SER A 245 -15.42 -1.96 -11.16
C SER A 245 -15.12 -1.19 -12.45
N GLU A 246 -15.44 -1.78 -13.62
CA GLU A 246 -15.25 -1.07 -14.89
C GLU A 246 -16.11 0.22 -14.93
N ALA A 247 -17.28 0.22 -14.28
CA ALA A 247 -18.12 1.39 -14.20
C ALA A 247 -17.62 2.39 -13.13
N LYS A 248 -16.94 1.91 -12.07
CA LYS A 248 -16.38 2.80 -11.05
C LYS A 248 -15.07 3.47 -11.51
N ARG A 249 -14.37 2.90 -12.49
CA ARG A 249 -13.20 3.55 -13.08
C ARG A 249 -13.70 4.76 -13.88
N LYS A 250 -14.83 4.60 -14.62
CA LYS A 250 -15.47 5.67 -15.38
C LYS A 250 -16.00 6.72 -14.43
N GLU A 251 -16.56 6.31 -13.29
CA GLU A 251 -17.06 7.20 -12.26
C GLU A 251 -15.91 8.03 -11.70
N TYR A 252 -14.75 7.40 -11.39
CA TYR A 252 -13.59 8.12 -10.86
C TYR A 252 -13.10 9.18 -11.83
N PHE A 253 -12.90 8.81 -13.10
CA PHE A 253 -12.45 9.74 -14.13
C PHE A 253 -13.39 10.94 -14.26
N PHE A 254 -14.70 10.71 -14.14
CA PHE A 254 -15.69 11.79 -14.26
C PHE A 254 -15.77 12.65 -12.97
N LYS A 255 -15.36 12.11 -11.82
CA LYS A 255 -15.32 12.87 -10.59
C LYS A 255 -14.06 13.74 -10.61
N TYR A 256 -12.91 13.17 -11.04
CA TYR A 256 -11.62 13.85 -11.12
C TYR A 256 -11.69 15.09 -12.01
N PHE A 257 -12.18 14.93 -13.24
CA PHE A 257 -12.26 16.05 -14.19
C PHE A 257 -13.60 16.74 -14.16
N SER A 258 -13.60 18.03 -13.77
CA SER A 258 -14.84 18.79 -13.74
C SER A 258 -15.36 18.98 -15.17
N ASP A 259 -14.47 19.26 -16.12
CA ASP A 259 -14.87 19.41 -17.52
C ASP A 259 -15.18 18.01 -18.05
N GLU A 260 -16.42 17.80 -18.49
CA GLU A 260 -16.88 16.52 -19.05
C GLU A 260 -16.11 16.15 -20.31
N ALA A 261 -15.68 17.15 -21.10
CA ALA A 261 -14.90 16.91 -22.32
C ALA A 261 -13.53 16.33 -21.96
N GLN A 262 -12.92 16.80 -20.86
CA GLN A 262 -11.64 16.29 -20.37
C GLN A 262 -11.81 14.87 -19.81
N ALA A 263 -12.86 14.66 -18.98
CA ALA A 263 -13.13 13.38 -18.35
C ALA A 263 -13.37 12.25 -19.35
N ARG A 264 -14.15 12.51 -20.40
CA ARG A 264 -14.46 11.50 -21.41
C ARG A 264 -13.26 11.20 -22.30
N ALA A 265 -12.41 12.21 -22.58
CA ALA A 265 -11.21 11.99 -23.39
C ALA A 265 -10.17 11.19 -22.61
N ALA A 266 -10.08 11.41 -21.30
CA ALA A 266 -9.14 10.70 -20.46
C ALA A 266 -9.58 9.23 -20.33
N PHE A 267 -10.88 8.98 -20.13
CA PHE A 267 -11.38 7.62 -20.01
C PHE A 267 -11.28 6.87 -21.34
N SER A 268 -11.46 7.57 -22.47
CA SER A 268 -11.32 6.94 -23.78
C SER A 268 -9.87 6.48 -24.05
N LEU A 269 -8.89 7.19 -23.49
CA LEU A 269 -7.48 6.82 -23.61
C LEU A 269 -7.23 5.49 -22.92
N ILE A 270 -7.82 5.30 -21.74
CA ILE A 270 -7.72 4.10 -20.91
C ILE A 270 -8.40 2.95 -21.63
N GLN A 271 -9.62 3.20 -22.17
CA GLN A 271 -10.40 2.24 -22.92
C GLN A 271 -9.67 1.71 -24.16
N GLU A 272 -8.90 2.59 -24.82
CA GLU A 272 -8.11 2.24 -26.00
C GLU A 272 -6.90 1.39 -25.60
N ASN A 273 -6.23 1.75 -24.49
CA ASN A 273 -5.06 1.06 -23.98
C ASN A 273 -5.45 -0.12 -23.08
N GLU A 274 -5.25 -1.36 -23.54
CA GLU A 274 -5.60 -2.57 -22.81
C GLU A 274 -5.02 -2.59 -21.40
N VAL A 275 -3.73 -2.28 -21.26
CA VAL A 275 -3.03 -2.27 -19.99
C VAL A 275 -3.54 -1.21 -19.00
N LEU A 276 -3.65 0.06 -19.42
CA LEU A 276 -4.12 1.11 -18.52
C LEU A 276 -5.54 0.85 -18.07
N PHE A 277 -6.39 0.30 -18.94
CA PHE A 277 -7.76 -0.03 -18.56
C PHE A 277 -7.74 -1.12 -17.47
N THR A 278 -6.94 -2.19 -17.69
CA THR A 278 -6.80 -3.31 -16.76
C THR A 278 -6.23 -2.88 -15.42
N MET A 279 -5.17 -2.06 -15.45
CA MET A 279 -4.50 -1.57 -14.24
C MET A 279 -5.32 -0.57 -13.48
N CYS A 280 -6.27 0.13 -14.15
CA CYS A 280 -7.06 1.14 -13.46
C CYS A 280 -8.13 0.56 -12.54
N PHE A 281 -8.03 -0.72 -12.18
CA PHE A 281 -8.89 -1.29 -11.14
C PHE A 281 -8.35 -0.78 -9.76
N ILE A 282 -7.02 -0.57 -9.64
CA ILE A 282 -6.41 -0.02 -8.44
C ILE A 282 -6.74 1.46 -8.44
N PRO A 283 -7.45 1.96 -7.43
CA PRO A 283 -7.76 3.40 -7.38
C PRO A 283 -6.52 4.30 -7.41
N LEU A 284 -5.40 3.89 -6.77
CA LEU A 284 -4.17 4.69 -6.84
C LEU A 284 -3.70 4.83 -8.30
N VAL A 285 -3.82 3.76 -9.13
CA VAL A 285 -3.49 3.83 -10.55
C VAL A 285 -4.40 4.85 -11.25
N CYS A 286 -5.71 4.87 -10.91
CA CYS A 286 -6.64 5.85 -11.47
C CYS A 286 -6.20 7.28 -11.16
N TRP A 287 -5.71 7.53 -9.93
CA TRP A 287 -5.24 8.84 -9.52
C TRP A 287 -3.96 9.25 -10.24
N ILE A 288 -2.99 8.32 -10.31
CA ILE A 288 -1.70 8.58 -10.95
C ILE A 288 -1.92 8.92 -12.44
N VAL A 289 -2.74 8.10 -13.13
CA VAL A 289 -3.08 8.25 -14.54
C VAL A 289 -3.79 9.58 -14.78
N CYS A 290 -4.79 9.89 -13.95
CA CYS A 290 -5.54 11.16 -14.08
C CYS A 290 -4.65 12.37 -13.86
N THR A 291 -3.78 12.31 -12.85
CA THR A 291 -2.86 13.42 -12.55
C THR A 291 -1.86 13.65 -13.69
N GLY A 292 -1.43 12.57 -14.35
CA GLY A 292 -0.52 12.64 -15.49
C GLY A 292 -1.16 13.25 -16.72
N LEU A 293 -2.43 12.91 -16.99
CA LEU A 293 -3.17 13.45 -18.13
C LEU A 293 -3.54 14.92 -17.93
N LYS A 294 -3.60 15.40 -16.68
CA LYS A 294 -3.91 16.80 -16.36
C LYS A 294 -2.75 17.68 -16.84
N GLN A 295 -1.49 17.25 -16.58
CA GLN A 295 -0.30 17.98 -17.00
C GLN A 295 -0.25 18.04 -18.52
N GLN A 296 -0.55 16.90 -19.18
CA GLN A 296 -0.58 16.76 -20.64
C GLN A 296 -1.69 17.64 -21.27
N MET A 297 -2.82 17.77 -20.56
CA MET A 297 -3.95 18.59 -20.98
C MET A 297 -3.58 20.06 -20.92
N GLU A 298 -2.90 20.47 -19.83
CA GLU A 298 -2.45 21.86 -19.66
C GLU A 298 -1.44 22.28 -20.75
N SER A 299 -0.70 21.32 -21.33
CA SER A 299 0.27 21.59 -22.38
C SER A 299 -0.35 21.82 -23.78
N GLY A 300 -1.29 20.97 -24.15
CA GLY A 300 -1.93 21.04 -25.46
C GLY A 300 -1.52 19.91 -26.40
N LYS A 301 -0.88 18.86 -25.84
CA LYS A 301 -0.43 17.69 -26.59
C LYS A 301 -1.60 16.73 -26.75
N SER A 302 -1.73 16.13 -27.96
CA SER A 302 -2.76 15.14 -28.30
C SER A 302 -2.76 14.01 -27.25
N LEU A 303 -3.84 13.90 -26.46
CA LEU A 303 -3.95 12.93 -25.36
C LEU A 303 -3.50 11.52 -25.73
N ALA A 304 -2.33 11.10 -25.22
CA ALA A 304 -1.77 9.78 -25.52
C ALA A 304 -0.91 9.25 -24.37
N GLN A 305 -1.03 7.96 -24.07
CA GLN A 305 -0.21 7.34 -23.03
C GLN A 305 0.02 5.89 -23.42
N THR A 306 1.21 5.59 -23.97
CA THR A 306 1.54 4.26 -24.47
C THR A 306 1.87 3.23 -23.38
N SER A 307 1.99 3.66 -22.10
CA SER A 307 2.35 2.82 -20.93
C SER A 307 1.85 1.38 -20.98
N LYS A 308 2.78 0.43 -20.80
CA LYS A 308 2.51 -1.01 -20.84
C LYS A 308 2.86 -1.74 -19.52
N THR A 309 3.58 -1.08 -18.60
CA THR A 309 3.96 -1.67 -17.29
C THR A 309 3.70 -0.67 -16.13
N THR A 310 3.79 -1.12 -14.84
CA THR A 310 3.68 -0.22 -13.68
C THR A 310 4.88 0.74 -13.72
N THR A 311 6.07 0.25 -14.10
CA THR A 311 7.29 1.03 -14.22
C THR A 311 7.13 2.14 -15.26
N ALA A 312 6.40 1.87 -16.36
CA ALA A 312 6.12 2.87 -17.40
C ALA A 312 5.21 3.96 -16.87
N VAL A 313 4.19 3.59 -16.07
CA VAL A 313 3.24 4.52 -15.48
C VAL A 313 3.93 5.42 -14.47
N TYR A 314 4.74 4.81 -13.60
CA TYR A 314 5.47 5.55 -12.57
C TYR A 314 6.50 6.48 -13.14
N VAL A 315 7.13 6.09 -14.26
CA VAL A 315 8.10 6.93 -14.95
C VAL A 315 7.36 8.06 -15.72
N PHE A 316 6.15 7.79 -16.22
CA PHE A 316 5.34 8.78 -16.94
C PHE A 316 4.86 9.87 -15.96
N PHE A 317 4.29 9.49 -14.81
CA PHE A 317 3.79 10.43 -13.81
C PHE A 317 4.92 11.33 -13.31
N LEU A 318 6.06 10.73 -12.97
CA LEU A 318 7.23 11.43 -12.46
C LEU A 318 7.82 12.40 -13.49
N SER A 319 7.84 12.00 -14.77
CA SER A 319 8.39 12.87 -15.82
C SER A 319 7.48 14.05 -16.16
N SER A 320 6.17 13.95 -15.82
CA SER A 320 5.21 15.04 -16.01
C SER A 320 5.45 16.17 -14.98
N LEU A 321 5.97 15.82 -13.79
CA LEU A 321 6.27 16.79 -12.73
C LEU A 321 7.47 17.64 -13.12
N LEU A 322 8.50 17.01 -13.71
CA LEU A 322 9.74 17.67 -14.13
C LEU A 322 9.48 18.87 -15.04
N GLN A 323 9.95 20.06 -14.63
CA GLN A 323 9.78 21.29 -15.41
C GLN A 323 10.72 21.34 -16.60
N CYS A 334 15.72 15.76 -12.80
CA CYS A 334 15.48 16.39 -11.50
C CYS A 334 16.78 16.71 -10.76
N ALA A 335 16.76 17.72 -9.88
CA ALA A 335 17.96 18.11 -9.14
C ALA A 335 18.25 17.26 -7.91
N HIS A 336 17.22 16.96 -7.11
CA HIS A 336 17.39 16.19 -5.88
C HIS A 336 17.07 14.71 -6.06
N LEU A 337 17.46 14.13 -7.20
CA LEU A 337 17.19 12.71 -7.47
C LEU A 337 18.00 11.77 -6.57
N TRP A 338 19.23 12.15 -6.21
CA TRP A 338 20.05 11.33 -5.32
C TRP A 338 19.47 11.38 -3.90
N GLY A 339 19.13 12.59 -3.45
CA GLY A 339 18.55 12.81 -2.14
C GLY A 339 17.22 12.11 -1.91
N LEU A 340 16.32 12.16 -2.90
CA LEU A 340 15.01 11.51 -2.80
C LEU A 340 15.12 9.99 -2.74
N CYS A 341 16.09 9.41 -3.46
CA CYS A 341 16.26 7.97 -3.50
C CYS A 341 16.91 7.42 -2.23
N SER A 342 17.92 8.12 -1.72
CA SER A 342 18.61 7.71 -0.50
C SER A 342 17.68 7.78 0.72
N LEU A 343 16.75 8.74 0.74
CA LEU A 343 15.76 8.91 1.81
C LEU A 343 14.80 7.72 1.82
N ALA A 344 14.35 7.29 0.63
CA ALA A 344 13.44 6.18 0.48
C ALA A 344 14.11 4.85 0.77
N ALA A 345 15.36 4.67 0.32
CA ALA A 345 16.10 3.43 0.61
C ALA A 345 16.41 3.33 2.10
N ASP A 346 16.75 4.46 2.73
CA ASP A 346 17.00 4.50 4.16
C ASP A 346 15.69 4.21 4.93
N GLY A 347 14.57 4.75 4.46
CA GLY A 347 13.26 4.56 5.06
C GLY A 347 12.70 3.15 4.92
N ILE A 348 13.18 2.41 3.93
CA ILE A 348 12.75 1.02 3.73
C ILE A 348 13.68 0.09 4.50
N TRP A 349 14.98 0.35 4.42
CA TRP A 349 15.97 -0.48 5.09
C TRP A 349 16.04 -0.26 6.59
N ASN A 350 15.57 0.89 7.08
CA ASN A 350 15.61 1.15 8.52
C ASN A 350 14.23 1.47 9.14
N GLN A 351 13.17 1.11 8.42
CA GLN A 351 11.76 1.21 8.78
C GLN A 351 11.32 2.57 9.30
N LYS A 352 11.39 3.55 8.42
CA LYS A 352 10.93 4.91 8.65
C LYS A 352 10.00 5.23 7.50
N ILE A 353 8.74 5.39 7.80
CA ILE A 353 7.72 5.72 6.81
C ILE A 353 7.37 7.22 6.92
N LEU A 354 7.47 7.79 8.16
CA LEU A 354 7.26 9.19 8.51
C LEU A 354 8.63 9.82 8.77
N PHE A 355 8.92 10.93 8.10
CA PHE A 355 10.19 11.62 8.20
C PHE A 355 10.02 13.05 8.71
N GLU A 356 10.62 13.37 9.86
CA GLU A 356 10.56 14.73 10.41
C GLU A 356 11.56 15.69 9.68
N GLU A 357 11.59 16.98 10.07
CA GLU A 357 12.45 18.01 9.46
C GLU A 357 13.91 17.61 9.39
N SER A 358 14.45 17.02 10.47
CA SER A 358 15.85 16.59 10.55
C SER A 358 16.20 15.48 9.56
N ASP A 359 15.26 14.56 9.32
CA ASP A 359 15.45 13.44 8.39
C ASP A 359 15.56 13.94 6.93
N LEU A 360 14.85 15.01 6.60
CA LEU A 360 14.84 15.59 5.26
C LEU A 360 16.03 16.51 5.05
N ARG A 361 16.44 17.25 6.10
CA ARG A 361 17.54 18.20 6.02
C ARG A 361 18.91 17.52 5.82
N ASN A 362 19.06 16.26 6.31
CA ASN A 362 20.33 15.55 6.13
C ASN A 362 20.45 14.95 4.72
N HIS A 363 19.31 14.64 4.06
CA HIS A 363 19.31 14.10 2.69
C HIS A 363 19.38 15.20 1.61
N GLY A 364 19.74 16.42 1.98
CA GLY A 364 19.88 17.54 1.05
C GLY A 364 18.59 18.27 0.70
N LEU A 365 17.45 17.82 1.24
CA LEU A 365 16.16 18.43 0.94
C LEU A 365 15.84 19.59 1.88
N GLN A 366 16.36 20.79 1.55
CA GLN A 366 16.14 22.03 2.33
C GLN A 366 14.67 22.52 2.23
N LYS A 367 14.30 23.53 3.08
CA LYS A 367 12.96 24.11 3.19
C LYS A 367 12.18 24.27 1.87
N ALA A 368 12.80 24.83 0.82
CA ALA A 368 12.16 25.05 -0.48
C ALA A 368 11.89 23.76 -1.24
N ASP A 369 12.84 22.82 -1.19
CA ASP A 369 12.73 21.53 -1.88
C ASP A 369 11.56 20.72 -1.34
N VAL A 370 11.35 20.74 -0.02
CA VAL A 370 10.25 20.00 0.60
C VAL A 370 8.92 20.61 0.17
N SER A 371 8.85 21.95 0.17
CA SER A 371 7.64 22.69 -0.23
C SER A 371 7.32 22.59 -1.73
N ALA A 372 8.31 22.23 -2.56
CA ALA A 372 8.10 22.05 -3.99
C ALA A 372 7.53 20.64 -4.22
N PHE A 373 8.07 19.62 -3.53
CA PHE A 373 7.57 18.24 -3.66
C PHE A 373 6.23 18.05 -3.00
N LEU A 374 5.92 18.83 -1.94
CA LEU A 374 4.62 18.77 -1.31
C LEU A 374 3.56 19.32 -2.28
N ARG A 375 3.90 20.40 -3.02
CA ARG A 375 3.02 21.02 -3.99
C ARG A 375 2.86 20.15 -5.25
N MET A 376 3.92 19.43 -5.65
CA MET A 376 3.90 18.54 -6.82
C MET A 376 3.30 17.16 -6.55
N ASN A 377 2.67 16.96 -5.37
CA ASN A 377 2.05 15.70 -4.95
C ASN A 377 3.03 14.53 -4.98
N LEU A 378 4.26 14.80 -4.54
CA LEU A 378 5.35 13.84 -4.39
C LEU A 378 5.53 13.49 -2.89
N PHE A 379 5.26 14.47 -2.00
CA PHE A 379 5.30 14.34 -0.55
C PHE A 379 3.93 14.62 0.08
N GLN A 380 3.78 14.26 1.36
CA GLN A 380 2.57 14.38 2.15
C GLN A 380 2.90 15.02 3.50
N LYS A 381 1.92 15.64 4.16
CA LYS A 381 2.16 16.25 5.48
C LYS A 381 1.30 15.58 6.56
N CYS A 385 -2.82 16.97 13.55
CA CYS A 385 -1.70 17.72 13.01
C CYS A 385 -0.35 17.07 13.35
N GLU A 386 0.14 16.22 12.44
CA GLU A 386 1.42 15.56 12.64
C GLU A 386 2.53 16.44 12.04
N LYS A 387 3.67 16.59 12.76
CA LYS A 387 4.82 17.36 12.27
C LYS A 387 5.77 16.47 11.43
N PHE A 388 5.21 15.44 10.75
CA PHE A 388 5.95 14.49 9.94
C PHE A 388 5.57 14.55 8.47
N TYR A 389 6.49 14.11 7.59
CA TYR A 389 6.28 14.09 6.15
C TYR A 389 6.58 12.70 5.60
N SER A 390 5.79 12.22 4.64
CA SER A 390 6.02 10.92 4.01
C SER A 390 5.87 11.01 2.47
N PHE A 391 6.19 9.93 1.71
CA PHE A 391 5.99 9.96 0.26
C PHE A 391 4.48 9.96 -0.03
N ILE A 392 4.05 10.43 -1.21
CA ILE A 392 2.61 10.48 -1.53
C ILE A 392 1.91 9.10 -1.37
N HIS A 393 2.69 8.01 -1.45
CA HIS A 393 2.25 6.63 -1.24
C HIS A 393 3.46 5.73 -0.95
N MET A 394 3.21 4.54 -0.40
CA MET A 394 4.25 3.57 -0.08
C MET A 394 4.90 3.04 -1.36
N THR A 395 4.10 2.87 -2.43
CA THR A 395 4.58 2.43 -3.74
C THR A 395 5.54 3.43 -4.38
N PHE A 396 5.47 4.71 -3.99
CA PHE A 396 6.41 5.71 -4.49
C PHE A 396 7.72 5.60 -3.72
N GLN A 397 7.67 5.31 -2.41
CA GLN A 397 8.87 5.08 -1.60
C GLN A 397 9.62 3.86 -2.15
N GLU A 398 8.88 2.84 -2.61
CA GLU A 398 9.50 1.65 -3.18
C GLU A 398 10.09 1.92 -4.58
N PHE A 399 9.48 2.85 -5.35
CA PHE A 399 9.99 3.25 -6.65
C PHE A 399 11.33 3.98 -6.49
N PHE A 400 11.45 4.84 -5.48
CA PHE A 400 12.69 5.55 -5.23
C PHE A 400 13.75 4.67 -4.55
N ALA A 401 13.32 3.60 -3.86
CA ALA A 401 14.25 2.65 -3.26
C ALA A 401 14.85 1.79 -4.35
N ALA A 402 14.04 1.36 -5.34
CA ALA A 402 14.53 0.57 -6.47
C ALA A 402 15.51 1.44 -7.28
N MET A 403 15.15 2.71 -7.52
CA MET A 403 15.97 3.66 -8.27
C MET A 403 17.31 3.97 -7.59
N TYR A 404 17.38 3.84 -6.27
CA TYR A 404 18.61 4.08 -5.51
C TYR A 404 19.71 3.11 -5.93
N TYR A 405 19.36 1.86 -6.20
CA TYR A 405 20.30 0.81 -6.61
C TYR A 405 20.86 1.01 -8.02
N LEU A 406 20.20 1.84 -8.86
CA LEU A 406 20.58 2.07 -10.24
C LEU A 406 21.10 3.48 -10.55
N LEU A 407 21.12 4.39 -9.57
CA LEU A 407 21.57 5.77 -9.78
C LEU A 407 23.03 5.88 -10.15
N GLU A 408 23.38 6.90 -10.96
CA GLU A 408 24.78 7.14 -11.31
C GLU A 408 25.44 7.78 -10.08
N GLU A 409 26.61 7.26 -9.66
CA GLU A 409 27.34 7.71 -8.47
C GLU A 409 27.67 9.22 -8.45
N GLU A 410 28.43 9.71 -9.46
CA GLU A 410 28.83 11.11 -9.64
C GLU A 410 29.48 11.74 -8.42
N LEU A 424 24.18 6.43 1.84
CA LEU A 424 24.35 5.75 3.13
C LEU A 424 23.91 4.25 3.10
N PRO A 425 22.65 3.87 2.76
CA PRO A 425 22.32 2.42 2.72
C PRO A 425 23.15 1.60 1.72
N SER A 426 23.11 0.27 1.87
CA SER A 426 23.88 -0.65 1.02
C SER A 426 23.22 -0.85 -0.34
N ARG A 427 23.98 -0.57 -1.43
CA ARG A 427 23.51 -0.75 -2.81
C ARG A 427 23.76 -2.17 -3.35
N ASP A 428 24.08 -3.14 -2.47
CA ASP A 428 24.29 -4.52 -2.86
C ASP A 428 22.92 -5.12 -3.11
N VAL A 429 22.62 -5.46 -4.37
CA VAL A 429 21.34 -6.07 -4.72
C VAL A 429 21.23 -7.49 -4.12
N THR A 430 22.37 -8.16 -3.84
CA THR A 430 22.41 -9.48 -3.23
C THR A 430 21.76 -9.44 -1.86
N VAL A 431 22.11 -8.43 -1.05
CA VAL A 431 21.56 -8.29 0.30
C VAL A 431 20.09 -7.81 0.28
N LEU A 432 19.69 -7.10 -0.78
CA LEU A 432 18.32 -6.65 -0.93
C LEU A 432 17.43 -7.88 -1.15
N LEU A 433 17.87 -8.78 -2.03
CA LEU A 433 17.16 -10.01 -2.36
C LEU A 433 17.10 -11.00 -1.21
N GLU A 434 18.13 -10.99 -0.34
CA GLU A 434 18.15 -11.86 0.84
C GLU A 434 17.01 -11.52 1.81
N ASN A 435 16.54 -10.26 1.81
CA ASN A 435 15.44 -9.83 2.67
C ASN A 435 14.09 -9.74 1.96
N TYR A 436 13.95 -10.42 0.82
CA TYR A 436 12.70 -10.38 0.07
C TYR A 436 11.64 -11.17 0.80
N GLY A 437 10.42 -10.65 0.80
CA GLY A 437 9.30 -11.32 1.44
C GLY A 437 9.36 -11.34 2.95
N LYS A 438 10.23 -10.51 3.55
CA LYS A 438 10.36 -10.40 4.98
C LYS A 438 9.57 -9.18 5.47
N PHE A 439 8.70 -9.39 6.47
CA PHE A 439 7.85 -8.35 7.05
C PHE A 439 8.65 -7.12 7.49
N GLU A 440 9.81 -7.37 8.12
CA GLU A 440 10.73 -6.37 8.67
C GLU A 440 11.12 -5.32 7.64
N LYS A 441 11.52 -5.73 6.42
CA LYS A 441 11.88 -4.76 5.39
C LYS A 441 10.68 -4.33 4.51
N GLY A 442 9.46 -4.60 4.95
CA GLY A 442 8.26 -4.22 4.23
C GLY A 442 7.92 -5.10 3.04
N TYR A 443 8.49 -6.33 2.98
CA TYR A 443 8.27 -7.36 1.95
C TYR A 443 9.01 -7.10 0.62
N LEU A 444 9.35 -5.83 0.30
CA LEU A 444 10.10 -5.44 -0.91
C LEU A 444 9.47 -5.87 -2.23
N ILE A 445 8.14 -6.07 -2.26
CA ILE A 445 7.43 -6.49 -3.46
C ILE A 445 7.57 -5.47 -4.60
N PHE A 446 7.28 -4.21 -4.31
CA PHE A 446 7.36 -3.16 -5.32
C PHE A 446 8.78 -2.65 -5.55
N VAL A 447 9.72 -2.88 -4.59
CA VAL A 447 11.11 -2.48 -4.82
C VAL A 447 11.64 -3.42 -5.89
N VAL A 448 11.49 -4.73 -5.71
CA VAL A 448 11.98 -5.69 -6.71
C VAL A 448 11.25 -5.54 -8.03
N ARG A 449 9.93 -5.41 -8.01
CA ARG A 449 9.15 -5.23 -9.23
C ARG A 449 9.60 -4.02 -10.06
N PHE A 450 9.77 -2.84 -9.43
CA PHE A 450 10.21 -1.62 -10.13
C PHE A 450 11.65 -1.75 -10.60
N LEU A 451 12.48 -2.49 -9.84
CA LEU A 451 13.87 -2.77 -10.14
C LEU A 451 13.98 -3.57 -11.44
N PHE A 452 13.03 -4.49 -11.70
CA PHE A 452 13.00 -5.28 -12.92
C PHE A 452 12.68 -4.39 -14.11
N GLY A 453 11.73 -3.48 -13.95
CA GLY A 453 11.30 -2.58 -15.01
C GLY A 453 12.31 -1.51 -15.38
N LEU A 454 12.96 -0.93 -14.36
CA LEU A 454 13.94 0.13 -14.61
C LEU A 454 15.22 -0.36 -15.25
N VAL A 455 15.58 -1.63 -15.01
CA VAL A 455 16.76 -2.30 -15.55
C VAL A 455 16.61 -2.62 -17.07
N ASN A 456 15.38 -2.58 -17.61
CA ASN A 456 15.11 -2.81 -19.03
C ASN A 456 15.81 -1.74 -19.90
N GLN A 457 16.87 -2.13 -20.63
CA GLN A 457 17.64 -1.22 -21.51
C GLN A 457 16.85 -0.74 -22.71
N GLU A 458 15.89 -1.55 -23.20
CA GLU A 458 15.04 -1.21 -24.34
C GLU A 458 13.92 -0.24 -23.94
N ARG A 459 14.23 0.67 -22.99
CA ARG A 459 13.32 1.70 -22.48
C ARG A 459 14.14 2.86 -21.89
N THR A 460 13.74 4.09 -22.18
CA THR A 460 14.43 5.28 -21.67
C THR A 460 13.46 6.46 -21.47
N SER A 461 13.96 7.54 -20.84
CA SER A 461 13.29 8.82 -20.56
C SER A 461 14.37 9.83 -20.11
N TYR A 462 14.00 11.11 -19.85
CA TYR A 462 14.98 12.08 -19.35
C TYR A 462 15.44 11.64 -17.93
N LEU A 463 14.53 11.02 -17.15
CA LEU A 463 14.79 10.49 -15.81
C LEU A 463 15.73 9.29 -15.86
N GLU A 464 15.43 8.30 -16.71
CA GLU A 464 16.24 7.10 -16.82
C GLU A 464 17.61 7.32 -17.40
N LYS A 465 17.80 8.37 -18.22
CA LYS A 465 19.13 8.68 -18.74
C LYS A 465 20.11 9.05 -17.59
N LYS A 466 19.57 9.42 -16.40
CA LYS A 466 20.34 9.73 -15.19
C LYS A 466 20.73 8.47 -14.37
N LEU A 467 20.30 7.28 -14.81
CA LEU A 467 20.62 6.01 -14.15
C LEU A 467 21.85 5.41 -14.81
N SER A 468 22.72 4.80 -14.01
CA SER A 468 23.95 4.16 -14.48
C SER A 468 23.67 2.85 -15.20
N CYS A 469 23.91 2.84 -16.51
CA CYS A 469 23.71 1.66 -17.36
C CYS A 469 24.74 0.55 -17.14
N LYS A 470 25.89 0.88 -16.52
CA LYS A 470 26.92 -0.10 -16.20
C LYS A 470 26.45 -0.99 -15.06
N ILE A 471 25.95 -0.38 -13.96
CA ILE A 471 25.41 -1.14 -12.83
C ILE A 471 24.02 -1.73 -13.13
N SER A 472 23.30 -1.17 -14.12
CA SER A 472 22.01 -1.68 -14.58
C SER A 472 22.20 -3.04 -15.27
N GLN A 473 23.36 -3.25 -15.93
CA GLN A 473 23.66 -4.52 -16.58
C GLN A 473 24.11 -5.56 -15.54
N GLN A 474 24.87 -5.14 -14.52
CA GLN A 474 25.32 -6.05 -13.48
C GLN A 474 24.15 -6.53 -12.65
N ILE A 475 23.19 -5.64 -12.34
CA ILE A 475 21.97 -5.96 -11.60
C ILE A 475 21.03 -6.85 -12.44
N ARG A 476 21.04 -6.68 -13.78
CA ARG A 476 20.24 -7.50 -14.69
C ARG A 476 20.71 -8.98 -14.65
N LEU A 477 22.01 -9.21 -14.46
CA LEU A 477 22.55 -10.55 -14.37
C LEU A 477 22.12 -11.23 -13.07
N GLU A 478 22.18 -10.49 -11.94
CA GLU A 478 21.82 -11.01 -10.63
C GLU A 478 20.33 -11.30 -10.48
N LEU A 479 19.48 -10.58 -11.22
CA LEU A 479 18.05 -10.82 -11.20
C LEU A 479 17.68 -12.11 -11.95
N LEU A 480 18.50 -12.52 -12.95
CA LEU A 480 18.27 -13.77 -13.68
C LEU A 480 18.61 -14.95 -12.77
N LYS A 481 19.78 -14.87 -12.08
CA LYS A 481 20.24 -15.90 -11.13
C LYS A 481 19.29 -16.03 -9.93
N TRP A 482 18.52 -14.98 -9.62
CA TRP A 482 17.53 -15.01 -8.56
C TRP A 482 16.31 -15.79 -9.04
N ILE A 483 15.80 -15.50 -10.26
CA ILE A 483 14.67 -16.21 -10.87
C ILE A 483 15.03 -17.71 -10.97
N GLU A 484 16.25 -18.00 -11.43
CA GLU A 484 16.77 -19.35 -11.58
C GLU A 484 16.74 -20.14 -10.27
N VAL A 485 17.15 -19.51 -9.16
CA VAL A 485 17.14 -20.16 -7.86
C VAL A 485 15.71 -20.34 -7.33
N LYS A 486 14.85 -19.33 -7.50
CA LYS A 486 13.48 -19.43 -7.01
C LYS A 486 12.65 -20.48 -7.76
N ALA A 487 12.70 -20.45 -9.10
CA ALA A 487 11.95 -21.38 -9.94
C ALA A 487 12.46 -22.82 -9.80
N LYS A 488 13.78 -23.04 -9.90
CA LYS A 488 14.38 -24.37 -9.78
C LYS A 488 14.56 -24.82 -8.33
N ALA A 489 13.61 -24.45 -7.46
CA ALA A 489 13.64 -24.86 -6.06
C ALA A 489 12.23 -25.13 -5.58
N LYS A 490 11.94 -26.41 -5.30
CA LYS A 490 10.63 -26.82 -4.81
C LYS A 490 10.41 -26.31 -3.38
N LYS A 491 11.48 -26.35 -2.55
CA LYS A 491 11.51 -25.97 -1.14
C LYS A 491 11.16 -24.49 -0.80
N LEU A 492 10.88 -23.65 -1.82
CA LEU A 492 10.55 -22.24 -1.57
C LEU A 492 9.34 -22.05 -0.62
N GLN A 493 8.10 -22.38 -1.08
CA GLN A 493 6.86 -22.30 -0.28
C GLN A 493 6.41 -20.87 0.11
N ILE A 494 7.29 -19.83 0.07
CA ILE A 494 6.89 -18.44 0.40
C ILE A 494 7.29 -17.45 -0.76
N GLN A 495 6.95 -16.13 -0.62
CA GLN A 495 7.26 -15.08 -1.61
C GLN A 495 8.75 -15.13 -2.06
N PRO A 496 9.01 -15.09 -3.38
CA PRO A 496 8.04 -14.89 -4.47
C PRO A 496 7.39 -16.16 -4.97
N SER A 497 6.09 -16.06 -5.28
CA SER A 497 5.37 -17.16 -5.88
C SER A 497 5.73 -17.16 -7.39
N GLN A 498 5.23 -18.16 -8.14
CA GLN A 498 5.50 -18.18 -9.57
C GLN A 498 4.81 -17.01 -10.25
N LEU A 499 3.58 -16.71 -9.86
CA LEU A 499 2.83 -15.57 -10.40
C LEU A 499 3.54 -14.27 -10.08
N GLU A 500 4.13 -14.15 -8.89
CA GLU A 500 4.87 -12.96 -8.53
C GLU A 500 6.11 -12.80 -9.41
N LEU A 501 6.85 -13.89 -9.71
CA LEU A 501 7.97 -13.79 -10.63
C LEU A 501 7.49 -13.38 -12.04
N PHE A 502 6.28 -13.81 -12.43
CA PHE A 502 5.65 -13.43 -13.68
C PHE A 502 5.41 -11.94 -13.72
N TYR A 503 5.05 -11.33 -12.60
CA TYR A 503 4.86 -9.88 -12.50
C TYR A 503 6.19 -9.15 -12.69
N CYS A 504 7.29 -9.73 -12.16
CA CYS A 504 8.63 -9.17 -12.28
C CYS A 504 9.04 -9.20 -13.75
N LEU A 505 8.90 -10.36 -14.42
CA LEU A 505 9.24 -10.45 -15.84
C LEU A 505 8.37 -9.53 -16.68
N TYR A 506 7.12 -9.32 -16.28
CA TYR A 506 6.22 -8.39 -16.97
C TYR A 506 6.80 -6.96 -16.88
N GLU A 507 7.40 -6.58 -15.74
CA GLU A 507 8.03 -5.26 -15.60
C GLU A 507 9.28 -5.19 -16.50
N MET A 508 10.02 -6.30 -16.63
CA MET A 508 11.17 -6.38 -17.51
C MET A 508 10.74 -6.11 -18.97
N GLN A 509 9.75 -6.89 -19.49
CA GLN A 509 9.15 -6.75 -20.82
C GLN A 509 10.10 -7.13 -21.98
N GLU A 510 11.41 -7.07 -21.75
CA GLU A 510 12.42 -7.37 -22.77
C GLU A 510 12.43 -8.86 -23.06
N GLU A 511 12.19 -9.25 -24.33
CA GLU A 511 12.07 -10.66 -24.67
C GLU A 511 13.31 -11.49 -24.44
N ASP A 512 14.55 -10.97 -24.64
CA ASP A 512 15.74 -11.79 -24.39
C ASP A 512 15.81 -12.22 -22.94
N PHE A 513 15.47 -11.32 -22.02
CA PHE A 513 15.51 -11.62 -20.60
C PHE A 513 14.36 -12.55 -20.22
N VAL A 514 13.09 -12.17 -20.57
CA VAL A 514 11.90 -12.95 -20.27
C VAL A 514 12.01 -14.40 -20.77
N GLN A 515 12.41 -14.60 -22.03
CA GLN A 515 12.54 -15.96 -22.57
C GLN A 515 13.60 -16.78 -21.85
N ARG A 516 14.73 -16.17 -21.50
CA ARG A 516 15.80 -16.86 -20.78
C ARG A 516 15.30 -17.28 -19.40
N ALA A 517 14.56 -16.40 -18.73
CA ALA A 517 13.99 -16.63 -17.41
C ALA A 517 12.87 -17.67 -17.43
N MET A 518 11.98 -17.64 -18.43
CA MET A 518 10.90 -18.61 -18.53
C MET A 518 11.40 -20.05 -18.82
N ASP A 519 12.65 -20.20 -19.31
CA ASP A 519 13.21 -21.53 -19.52
C ASP A 519 13.63 -22.21 -18.19
N TYR A 520 13.61 -21.46 -17.05
CA TYR A 520 13.95 -21.99 -15.72
C TYR A 520 12.77 -22.69 -15.06
N PHE A 521 11.54 -22.32 -15.43
CA PHE A 521 10.33 -22.89 -14.86
C PHE A 521 10.06 -24.24 -15.51
N PRO A 522 10.07 -25.33 -14.70
CA PRO A 522 9.83 -26.66 -15.27
C PRO A 522 8.37 -26.83 -15.72
N LYS A 523 7.44 -26.38 -14.87
CA LYS A 523 6.01 -26.45 -15.12
C LYS A 523 5.37 -25.16 -14.66
N ILE A 524 4.30 -24.73 -15.35
CA ILE A 524 3.57 -23.54 -14.95
C ILE A 524 2.52 -23.92 -13.92
N GLU A 525 2.68 -23.48 -12.66
CA GLU A 525 1.81 -23.78 -11.52
C GLU A 525 1.38 -22.46 -10.88
N ILE A 526 0.33 -21.84 -11.43
CA ILE A 526 -0.18 -20.55 -10.95
C ILE A 526 -1.69 -20.52 -10.69
N ASN A 527 -2.13 -19.61 -9.82
CA ASN A 527 -3.54 -19.45 -9.51
C ASN A 527 -3.95 -18.05 -9.93
N LEU A 528 -4.85 -17.95 -10.93
CA LEU A 528 -5.29 -16.65 -11.40
C LEU A 528 -6.52 -16.20 -10.66
N SER A 529 -6.56 -14.94 -10.25
CA SER A 529 -7.70 -14.42 -9.48
C SER A 529 -8.23 -13.09 -10.01
N THR A 530 -7.47 -12.39 -10.87
CA THR A 530 -7.86 -11.10 -11.43
C THR A 530 -7.53 -11.05 -12.94
N ARG A 531 -8.05 -10.05 -13.66
CA ARG A 531 -7.70 -9.87 -15.07
C ARG A 531 -6.27 -9.33 -15.26
N MET A 532 -5.68 -8.75 -14.20
CA MET A 532 -4.29 -8.33 -14.19
C MET A 532 -3.41 -9.60 -14.16
N ASP A 533 -3.81 -10.64 -13.40
CA ASP A 533 -3.11 -11.92 -13.34
C ASP A 533 -3.13 -12.57 -14.72
N HIS A 534 -4.27 -12.51 -15.42
CA HIS A 534 -4.39 -13.09 -16.75
C HIS A 534 -3.48 -12.40 -17.75
N MET A 535 -3.39 -11.07 -17.67
CA MET A 535 -2.57 -10.29 -18.57
C MET A 535 -1.08 -10.57 -18.42
N VAL A 536 -0.61 -10.52 -17.19
CA VAL A 536 0.78 -10.76 -16.81
C VAL A 536 1.18 -12.18 -17.19
N SER A 537 0.41 -13.19 -16.76
CA SER A 537 0.73 -14.59 -17.04
C SER A 537 0.68 -14.89 -18.53
N SER A 538 -0.30 -14.34 -19.22
CA SER A 538 -0.45 -14.47 -20.67
C SER A 538 0.82 -14.00 -21.39
N PHE A 539 1.38 -12.86 -20.97
CA PHE A 539 2.60 -12.31 -21.54
C PHE A 539 3.81 -13.23 -21.31
N CYS A 540 3.96 -13.77 -20.08
CA CYS A 540 5.11 -14.60 -19.75
C CYS A 540 5.03 -15.96 -20.44
N ILE A 541 3.85 -16.56 -20.48
CA ILE A 541 3.65 -17.86 -21.13
C ILE A 541 3.91 -17.78 -22.63
N GLU A 542 3.40 -16.74 -23.31
CA GLU A 542 3.66 -16.58 -24.74
C GLU A 542 5.15 -16.30 -25.07
N ASN A 543 5.99 -16.05 -24.05
CA ASN A 543 7.45 -15.87 -24.17
C ASN A 543 8.23 -17.05 -23.57
N CYS A 544 7.56 -18.20 -23.37
CA CYS A 544 8.09 -19.43 -22.84
C CYS A 544 7.90 -20.50 -23.88
N HIS A 545 8.87 -20.66 -24.78
CA HIS A 545 8.76 -21.70 -25.79
C HIS A 545 9.96 -22.61 -25.74
N ARG A 546 9.73 -23.92 -25.59
CA ARG A 546 10.79 -24.94 -25.52
C ARG A 546 11.74 -24.85 -26.71
N VAL A 547 13.04 -24.89 -26.43
CA VAL A 547 14.15 -24.79 -27.39
C VAL A 547 13.89 -25.50 -28.74
N GLU A 548 13.51 -26.78 -28.70
CA GLU A 548 13.27 -27.54 -29.92
C GLU A 548 11.83 -27.44 -30.49
N SER A 549 11.03 -26.47 -30.06
CA SER A 549 9.64 -26.32 -30.55
C SER A 549 9.58 -26.09 -32.05
N LEU A 550 9.05 -27.08 -32.79
CA LEU A 550 8.93 -27.03 -34.25
C LEU A 550 7.64 -27.69 -34.75
C1 A1H02 B . -1.49 -4.07 -7.49
C2 A1H02 B . -1.63 -3.12 -6.47
C3 A1H02 B . -0.91 -1.99 -6.90
C12 A1H02 B . -0.52 -4.30 -9.71
C14 A1H02 B . 0.24 -3.71 -10.95
C16 A1H02 B . -1.73 -7.51 -8.76
C17 A1H02 B . -0.61 -8.19 -8.01
C20 A1H02 B . 0.46 -4.79 -12.01
C21 A1H02 B . -0.51 -2.52 -11.52
C23 A1H02 B . 0.33 -10.31 -7.18
C24 A1H02 B . 0.68 -10.04 -5.72
C26 A1H02 B . 1.57 -12.35 -5.47
C27 A1H02 B . 1.26 -12.63 -6.94
C28 A1H02 B . 0.08 -11.79 -7.42
C29 A1H02 B . 2.21 -10.60 -3.85
C4 A1H02 B . -0.36 -2.24 -8.13
N5 A1H02 B . -0.71 -3.52 -8.52
C6 A1H02 B . 0.40 -1.16 -8.64
C7 A1H02 B . 0.40 -0.13 -7.77
S8 A1H02 B . -0.49 -0.41 -6.34
C9 A1H02 B . -1.96 -5.42 -7.54
N10 A1H02 B . -1.59 -6.07 -8.71
N11 A1H02 B . -0.99 -5.49 -9.79
O13 A1H02 B . -2.51 -6.02 -6.62
O15 A1H02 B . 1.54 -3.27 -10.51
N18 A1H02 B . -0.73 -9.49 -7.78
O19 A1H02 B . 0.35 -7.53 -7.59
CL22 A1H02 B . 1.25 1.35 -7.95
N25 A1H02 B . 1.85 -10.88 -5.26
PB ADP C . -3.86 1.67 0.54
O1B ADP C . -4.20 2.09 1.96
O2B ADP C . -2.38 1.36 0.36
O3B ADP C . -4.75 0.57 0.02
PA ADP C . -5.11 4.26 -0.06
O1A ADP C . -6.41 3.81 0.46
O2A ADP C . -4.31 5.23 0.73
O3A ADP C . -4.22 2.96 -0.33
O5' ADP C . -5.37 4.86 -1.52
C5' ADP C . -4.41 5.71 -2.21
C4' ADP C . -5.13 6.65 -3.16
O4' ADP C . -6.12 5.91 -3.90
C3' ADP C . -5.93 7.78 -2.49
O3' ADP C . -5.11 8.92 -2.22
C2' ADP C . -6.98 8.10 -3.55
O2' ADP C . -6.57 9.05 -4.53
C1' ADP C . -7.25 6.72 -4.17
N9 ADP C . -8.43 6.05 -3.64
C8 ADP C . -8.48 4.90 -2.91
N7 ADP C . -9.69 4.47 -2.65
C5 ADP C . -10.50 5.41 -3.28
C6 ADP C . -11.90 5.52 -3.41
N6 ADP C . -12.75 4.62 -2.91
N1 ADP C . -12.39 6.56 -4.10
C2 ADP C . -11.53 7.44 -4.62
N3 ADP C . -10.19 7.45 -4.58
C4 ADP C . -9.74 6.39 -3.89
H5'1 ADP C . -3.66 5.14 -2.76
H5'2 ADP C . -3.86 6.30 -1.47
H4' ADP C . -4.42 7.06 -3.88
H3' ADP C . -6.43 7.44 -1.59
HO3' ADP C . -4.59 8.66 -1.45
H2' ADP C . -7.89 8.52 -3.09
HO2' ADP C . -6.37 9.84 -4.00
H1' ADP C . -7.37 6.72 -5.26
H8 ADP C . -7.59 4.39 -2.55
HN61 ADP C . -13.75 4.77 -3.05
HN62 ADP C . -12.37 3.82 -2.41
H2 ADP C . -11.98 8.27 -5.17
#